data_5B4O
#
_entry.id   5B4O
#
_cell.length_a   95.194
_cell.length_b   95.194
_cell.length_c   103.296
_cell.angle_alpha   90.00
_cell.angle_beta   90.00
_cell.angle_gamma   120.00
#
_symmetry.space_group_name_H-M   'P 31 2 1'
#
loop_
_entity.id
_entity.type
_entity.pdbx_description
1 polymer 'Macrophage migration inhibitory factor'
2 non-polymer 2-pyridin-3-yl-1,3-benzothiazin-4-one
3 non-polymer 1,2-ETHANEDIOL
4 non-polymer 'SULFATE ION'
5 water water
#
_entity_poly.entity_id   1
_entity_poly.type   'polypeptide(L)'
_entity_poly.pdbx_seq_one_letter_code
;PMFIVNTNVPRASVPDGFLSELTQQLAQATGKPPQYIAVHVVPDQLMAFGGSSEPCALCSLHSIGKIGGAQNRSYSKLLC
GLLAERLRISPDRVYINYYDMNAANVGWNNSTFA
;
_entity_poly.pdbx_strand_id   A,B,C
#
loop_
_chem_comp.id
_chem_comp.type
_chem_comp.name
_chem_comp.formula
6DQ non-polymer 2-pyridin-3-yl-1,3-benzothiazin-4-one 'C13 H8 N2 O S'
EDO non-polymer 1,2-ETHANEDIOL 'C2 H6 O2'
SO4 non-polymer 'SULFATE ION' 'O4 S -2'
#
# COMPACT_ATOMS: atom_id res chain seq x y z
N PRO A 1 11.88 5.25 -8.82
CA PRO A 1 10.42 5.23 -8.70
C PRO A 1 9.87 3.83 -8.45
N MET A 2 8.64 3.80 -7.97
CA MET A 2 8.00 2.55 -7.61
C MET A 2 6.59 2.61 -8.14
N PHE A 3 6.20 1.60 -8.89
CA PHE A 3 4.84 1.51 -9.40
C PHE A 3 4.20 0.23 -8.96
N ILE A 4 3.03 0.35 -8.37
CA ILE A 4 2.32 -0.81 -7.88
C ILE A 4 0.94 -0.87 -8.53
N VAL A 5 0.56 -2.04 -9.01
CA VAL A 5 -0.79 -2.25 -9.53
C VAL A 5 -1.46 -3.38 -8.78
N ASN A 6 -2.62 -3.10 -8.19
CA ASN A 6 -3.43 -4.12 -7.54
C ASN A 6 -4.64 -4.31 -8.44
N THR A 7 -4.92 -5.56 -8.78
CA THR A 7 -6.01 -5.77 -9.72
C THR A 7 -6.68 -7.08 -9.44
N ASN A 8 -7.97 -7.14 -9.83
CA ASN A 8 -8.70 -8.40 -9.77
C ASN A 8 -8.50 -9.27 -10.99
N VAL A 9 -7.76 -8.80 -11.98
CA VAL A 9 -7.43 -9.63 -13.12
C VAL A 9 -6.63 -10.81 -12.60
N PRO A 10 -6.91 -12.04 -13.08
CA PRO A 10 -6.18 -13.21 -12.58
C PRO A 10 -4.74 -13.25 -13.01
N ARG A 11 -3.90 -13.94 -12.24
CA ARG A 11 -2.48 -13.99 -12.51
C ARG A 11 -2.18 -14.43 -13.94
N ALA A 12 -2.94 -15.40 -14.44
CA ALA A 12 -2.62 -16.00 -15.73
C ALA A 12 -2.86 -14.99 -16.85
N SER A 13 -3.62 -13.95 -16.55
CA SER A 13 -3.90 -12.88 -17.50
C SER A 13 -2.89 -11.74 -17.45
N VAL A 14 -1.90 -11.83 -16.55
CA VAL A 14 -0.86 -10.81 -16.52
C VAL A 14 0.28 -11.30 -17.39
N PRO A 15 0.58 -10.58 -18.47
CA PRO A 15 1.63 -11.10 -19.36
C PRO A 15 2.97 -11.20 -18.66
N ASP A 16 3.76 -12.19 -19.04
CA ASP A 16 5.06 -12.39 -18.43
C ASP A 16 5.98 -11.18 -18.57
N GLY A 17 5.79 -10.41 -19.64
CA GLY A 17 6.63 -9.26 -19.87
C GLY A 17 6.12 -7.96 -19.32
N PHE A 18 5.00 -7.99 -18.61
CA PHE A 18 4.40 -6.75 -18.16
C PHE A 18 5.25 -5.93 -17.20
N LEU A 19 5.92 -6.61 -16.26
CA LEU A 19 6.75 -5.87 -15.32
C LEU A 19 7.87 -5.17 -16.08
N SER A 20 8.44 -5.85 -17.06
CA SER A 20 9.52 -5.23 -17.83
C SER A 20 9.01 -4.11 -18.75
N GLU A 21 7.82 -4.29 -19.31
CA GLU A 21 7.27 -3.25 -20.14
C GLU A 21 7.01 -1.98 -19.31
N LEU A 22 6.42 -2.18 -18.14
CA LEU A 22 6.17 -1.06 -17.23
C LEU A 22 7.47 -0.40 -16.82
N THR A 23 8.49 -1.21 -16.53
CA THR A 23 9.78 -0.64 -16.14
C THR A 23 10.31 0.27 -17.22
N GLN A 24 10.30 -0.22 -18.45
CA GLN A 24 10.86 0.53 -19.56
C GLN A 24 10.05 1.79 -19.86
N GLN A 25 8.73 1.65 -19.86
CA GLN A 25 7.88 2.78 -20.19
C GLN A 25 7.92 3.83 -19.09
N LEU A 26 7.98 3.40 -17.84
CA LEU A 26 8.07 4.38 -16.75
C LEU A 26 9.43 5.04 -16.73
N ALA A 27 10.47 4.34 -17.12
CA ALA A 27 11.79 4.98 -17.20
C ALA A 27 11.71 6.11 -18.21
N GLN A 28 11.10 5.85 -19.36
CA GLN A 28 10.99 6.90 -20.38
C GLN A 28 10.12 8.03 -19.89
N ALA A 29 9.03 7.70 -19.22
CA ALA A 29 8.07 8.71 -18.83
C ALA A 29 8.58 9.62 -17.73
N THR A 30 9.30 9.03 -16.78
CA THR A 30 9.82 9.79 -15.63
C THR A 30 11.17 10.40 -15.94
N GLY A 31 11.84 9.92 -16.97
CA GLY A 31 13.18 10.39 -17.27
C GLY A 31 14.21 9.81 -16.33
N LYS A 32 13.82 8.80 -15.56
CA LYS A 32 14.75 8.12 -14.67
C LYS A 32 15.23 6.85 -15.34
N PRO A 33 16.50 6.50 -15.19
CA PRO A 33 17.05 5.25 -15.73
C PRO A 33 16.26 4.06 -15.23
N PRO A 34 16.07 3.03 -16.07
CA PRO A 34 15.24 1.91 -15.66
C PRO A 34 15.75 1.18 -14.43
N GLN A 35 17.06 1.27 -14.18
CA GLN A 35 17.61 0.60 -13.02
C GLN A 35 16.98 1.12 -11.72
N TYR A 36 16.45 2.34 -11.73
CA TYR A 36 15.85 2.93 -10.53
C TYR A 36 14.40 2.52 -10.32
N ILE A 37 13.80 1.91 -11.34
CA ILE A 37 12.36 1.67 -11.34
C ILE A 37 12.02 0.31 -10.76
N ALA A 38 11.13 0.29 -9.78
CA ALA A 38 10.62 -0.96 -9.26
C ALA A 38 9.14 -1.05 -9.59
N VAL A 39 8.71 -2.25 -9.93
CA VAL A 39 7.33 -2.49 -10.33
C VAL A 39 6.81 -3.69 -9.58
N HIS A 40 5.55 -3.61 -9.17
CA HIS A 40 4.93 -4.67 -8.39
C HIS A 40 3.50 -4.85 -8.91
N VAL A 41 3.15 -6.05 -9.34
CA VAL A 41 1.81 -6.30 -9.85
C VAL A 41 1.17 -7.33 -8.96
N VAL A 42 -0.03 -7.02 -8.47
CA VAL A 42 -0.71 -7.90 -7.54
C VAL A 42 -2.06 -8.31 -8.15
N PRO A 43 -2.11 -9.50 -8.76
CA PRO A 43 -3.34 -9.96 -9.41
C PRO A 43 -4.23 -10.69 -8.43
N ASP A 44 -5.38 -11.14 -8.93
CA ASP A 44 -6.28 -12.02 -8.21
C ASP A 44 -6.87 -11.38 -6.97
N GLN A 45 -6.93 -10.05 -6.95
CA GLN A 45 -7.42 -9.37 -5.78
C GLN A 45 -8.91 -9.29 -5.66
N LEU A 46 -9.40 -9.30 -4.42
CA LEU A 46 -10.81 -9.09 -4.13
C LEU A 46 -11.05 -7.61 -4.10
N MET A 47 -11.61 -7.07 -5.19
CA MET A 47 -11.75 -5.63 -5.36
C MET A 47 -13.08 -5.33 -5.98
N ALA A 48 -13.58 -4.14 -5.70
CA ALA A 48 -14.68 -3.59 -6.48
C ALA A 48 -14.39 -2.12 -6.76
N PHE A 49 -14.93 -1.64 -7.87
CA PHE A 49 -14.77 -0.27 -8.29
C PHE A 49 -16.17 0.17 -8.66
N GLY A 50 -16.67 1.18 -7.97
CA GLY A 50 -18.05 1.60 -8.18
C GLY A 50 -19.06 0.50 -7.90
N GLY A 51 -18.71 -0.42 -6.99
CA GLY A 51 -19.62 -1.49 -6.61
C GLY A 51 -19.69 -2.66 -7.57
N SER A 52 -18.86 -2.62 -8.61
CA SER A 52 -18.79 -3.67 -9.61
C SER A 52 -17.46 -4.40 -9.50
N SER A 53 -17.46 -5.70 -9.77
CA SER A 53 -16.23 -6.49 -9.73
C SER A 53 -15.72 -6.81 -11.12
N GLU A 54 -16.16 -6.07 -12.12
CA GLU A 54 -15.50 -6.13 -13.43
C GLU A 54 -14.02 -5.72 -13.26
N PRO A 55 -13.17 -6.05 -14.22
CA PRO A 55 -11.74 -5.77 -14.05
C PRO A 55 -11.49 -4.32 -13.69
N CYS A 56 -10.58 -4.11 -12.73
CA CYS A 56 -10.25 -2.76 -12.29
C CYS A 56 -8.83 -2.80 -11.75
N ALA A 57 -8.28 -1.63 -11.50
CA ALA A 57 -6.94 -1.56 -10.93
C ALA A 57 -6.84 -0.39 -10.01
N LEU A 58 -6.19 -0.63 -8.86
CA LEU A 58 -5.80 0.44 -7.97
C LEU A 58 -4.28 0.47 -7.93
N CYS A 59 -3.72 1.60 -8.25
CA CYS A 59 -2.30 1.70 -8.51
C CYS A 59 -1.70 2.84 -7.74
N SER A 60 -0.38 2.79 -7.59
CA SER A 60 0.34 3.91 -7.03
C SER A 60 1.65 4.10 -7.74
N LEU A 61 2.05 5.35 -7.90
CA LEU A 61 3.36 5.69 -8.41
C LEU A 61 4.02 6.62 -7.41
N HIS A 62 5.15 6.18 -6.89
CA HIS A 62 5.95 6.97 -5.94
C HIS A 62 7.23 7.34 -6.65
N SER A 63 7.64 8.60 -6.51
CA SER A 63 8.89 9.02 -7.11
C SER A 63 9.44 10.19 -6.31
N ILE A 64 10.76 10.27 -6.22
CA ILE A 64 11.38 11.48 -5.69
C ILE A 64 11.38 12.49 -6.82
N GLY A 65 10.41 13.40 -6.76
CA GLY A 65 10.19 14.33 -7.85
C GLY A 65 9.60 13.63 -9.07
N LYS A 66 9.56 14.38 -10.17
CA LYS A 66 8.91 13.94 -11.41
C LYS A 66 7.43 13.65 -11.17
N ILE A 67 6.85 14.32 -10.18
CA ILE A 67 5.45 14.17 -9.86
C ILE A 67 4.86 15.57 -9.85
N GLY A 68 3.72 15.77 -10.51
CA GLY A 68 3.13 17.10 -10.54
C GLY A 68 1.92 17.10 -11.43
N GLY A 69 1.23 18.24 -11.51
CA GLY A 69 -0.05 18.27 -12.17
C GLY A 69 0.02 17.77 -13.62
N ALA A 70 0.92 18.34 -14.41
CA ALA A 70 0.99 17.98 -15.83
C ALA A 70 1.56 16.59 -15.97
N GLN A 71 2.61 16.30 -15.19
CA GLN A 71 3.25 15.01 -15.32
C GLN A 71 2.31 13.88 -14.96
N ASN A 72 1.51 14.08 -13.92
CA ASN A 72 0.58 13.06 -13.53
C ASN A 72 -0.52 12.83 -14.55
N ARG A 73 -0.97 13.90 -15.21
CA ARG A 73 -1.92 13.75 -16.31
C ARG A 73 -1.34 12.90 -17.42
N SER A 74 -0.06 13.08 -17.69
CA SER A 74 0.64 12.30 -18.70
C SER A 74 0.81 10.85 -18.27
N TYR A 75 1.23 10.62 -17.03
CA TYR A 75 1.38 9.26 -16.52
C TYR A 75 0.07 8.53 -16.56
N SER A 76 -1.03 9.21 -16.28
CA SER A 76 -2.29 8.51 -16.30
C SER A 76 -2.63 7.97 -17.67
N LYS A 77 -2.29 8.74 -18.71
CA LYS A 77 -2.52 8.25 -20.06
C LYS A 77 -1.63 7.06 -20.37
N LEU A 78 -0.35 7.15 -19.97
CA LEU A 78 0.58 6.06 -20.21
C LEU A 78 0.06 4.80 -19.52
N LEU A 79 -0.29 4.93 -18.25
CA LEU A 79 -0.60 3.76 -17.45
C LEU A 79 -1.97 3.20 -17.77
N CYS A 80 -2.95 4.07 -18.00
CA CYS A 80 -4.21 3.56 -18.48
C CYS A 80 -4.05 2.82 -19.81
N GLY A 81 -3.18 3.32 -20.67
CA GLY A 81 -2.98 2.66 -21.95
C GLY A 81 -2.42 1.26 -21.78
N LEU A 82 -1.44 1.14 -20.89
CA LEU A 82 -0.83 -0.16 -20.65
C LEU A 82 -1.79 -1.13 -19.96
N LEU A 83 -2.53 -0.64 -18.98
CA LEU A 83 -3.49 -1.48 -18.30
C LEU A 83 -4.62 -1.92 -19.21
N ALA A 84 -5.02 -1.03 -20.11
CA ALA A 84 -6.09 -1.37 -21.03
C ALA A 84 -5.59 -2.40 -22.03
N GLU A 85 -4.40 -2.22 -22.58
CA GLU A 85 -3.96 -3.18 -23.58
C GLU A 85 -3.53 -4.51 -22.98
N ARG A 86 -2.74 -4.48 -21.92
CA ARG A 86 -2.18 -5.71 -21.43
C ARG A 86 -3.07 -6.44 -20.45
N LEU A 87 -3.87 -5.69 -19.70
CA LEU A 87 -4.72 -6.34 -18.69
C LEU A 87 -6.20 -6.27 -19.02
N ARG A 88 -6.53 -5.55 -20.10
CA ARG A 88 -7.91 -5.42 -20.60
C ARG A 88 -8.79 -4.72 -19.59
N ILE A 89 -8.21 -3.77 -18.87
CA ILE A 89 -8.96 -3.02 -17.89
C ILE A 89 -9.43 -1.71 -18.50
N SER A 90 -10.73 -1.43 -18.35
CA SER A 90 -11.26 -0.17 -18.82
C SER A 90 -10.61 0.99 -18.04
N PRO A 91 -10.21 2.07 -18.72
CA PRO A 91 -9.49 3.17 -18.08
C PRO A 91 -10.29 3.93 -17.05
N ASP A 92 -11.62 3.82 -17.11
CA ASP A 92 -12.42 4.45 -16.09
C ASP A 92 -12.61 3.54 -14.88
N ARG A 93 -11.89 2.41 -14.85
CA ARG A 93 -11.89 1.55 -13.66
C ARG A 93 -10.47 1.43 -13.13
N VAL A 94 -9.72 2.50 -13.32
CA VAL A 94 -8.34 2.61 -12.85
C VAL A 94 -8.21 3.85 -11.98
N TYR A 95 -7.70 3.69 -10.75
CA TYR A 95 -7.18 4.82 -10.00
C TYR A 95 -5.68 4.67 -9.85
N ILE A 96 -4.98 5.79 -9.93
CA ILE A 96 -3.55 5.82 -9.70
C ILE A 96 -3.24 6.93 -8.71
N ASN A 97 -2.70 6.57 -7.56
CA ASN A 97 -2.32 7.58 -6.58
C ASN A 97 -0.87 7.92 -6.83
N TYR A 98 -0.58 9.22 -6.93
CA TYR A 98 0.77 9.70 -7.17
C TYR A 98 1.34 10.27 -5.89
N TYR A 99 2.59 9.96 -5.63
CA TYR A 99 3.24 10.39 -4.39
C TYR A 99 4.60 10.95 -4.73
N ASP A 100 4.79 12.24 -4.43
CA ASP A 100 6.06 12.90 -4.59
C ASP A 100 6.81 12.72 -3.27
N MET A 101 7.76 11.80 -3.27
CA MET A 101 8.49 11.46 -2.04
C MET A 101 9.66 12.39 -1.83
N ASN A 102 9.85 12.79 -0.57
CA ASN A 102 11.08 13.47 -0.20
C ASN A 102 12.20 12.43 -0.17
N ALA A 103 13.37 12.80 -0.70
CA ALA A 103 14.50 11.91 -0.72
C ALA A 103 14.82 11.35 0.67
N ALA A 104 14.62 12.17 1.70
CA ALA A 104 14.89 11.76 3.09
C ALA A 104 13.95 10.66 3.56
N ASN A 105 12.82 10.49 2.86
CA ASN A 105 11.81 9.53 3.23
C ASN A 105 11.81 8.33 2.31
N VAL A 106 12.89 8.14 1.57
CA VAL A 106 13.04 6.95 0.75
C VAL A 106 14.32 6.25 1.12
N GLY A 107 14.16 5.07 1.68
CA GLY A 107 15.28 4.23 2.04
C GLY A 107 15.69 3.30 0.92
N TRP A 108 16.97 3.01 0.84
CA TRP A 108 17.55 2.15 -0.17
C TRP A 108 18.99 1.87 0.26
N ASN A 109 19.41 0.62 0.11
CA ASN A 109 20.82 0.25 0.32
C ASN A 109 21.38 0.74 1.67
N ASN A 110 20.65 0.44 2.73
CA ASN A 110 21.07 0.74 4.11
C ASN A 110 21.01 2.20 4.47
N SER A 111 20.51 3.05 3.59
CA SER A 111 20.49 4.47 3.88
C SER A 111 19.25 5.07 3.26
N THR A 112 19.24 6.38 3.08
CA THR A 112 18.19 7.05 2.32
C THR A 112 18.84 7.92 1.26
N PHE A 113 18.03 8.53 0.42
CA PHE A 113 18.57 9.34 -0.67
C PHE A 113 18.92 10.74 -0.26
N ALA A 114 18.57 11.12 0.97
CA ALA A 114 18.97 12.45 1.44
C ALA A 114 20.50 12.61 1.46
N PRO B 1 3.26 2.16 15.10
CA PRO B 1 3.91 2.13 13.76
C PRO B 1 3.49 0.91 12.96
N MET B 2 3.65 1.01 11.63
CA MET B 2 3.21 -0.05 10.75
C MET B 2 4.34 -0.27 9.75
N PHE B 3 4.81 -1.51 9.63
CA PHE B 3 5.84 -1.83 8.66
C PHE B 3 5.32 -2.91 7.75
N ILE B 4 5.42 -2.65 6.45
CA ILE B 4 5.01 -3.61 5.45
C ILE B 4 6.19 -3.92 4.55
N VAL B 5 6.41 -5.19 4.29
CA VAL B 5 7.40 -5.61 3.31
C VAL B 5 6.74 -6.46 2.26
N ASN B 6 6.86 -6.04 1.00
CA ASN B 6 6.40 -6.84 -0.14
C ASN B 6 7.64 -7.35 -0.84
N THR B 7 7.68 -8.64 -1.11
CA THR B 7 8.86 -9.22 -1.69
C THR B 7 8.50 -10.38 -2.60
N ASN B 8 9.39 -10.63 -3.57
CA ASN B 8 9.27 -11.82 -4.38
C ASN B 8 9.92 -13.06 -3.82
N VAL B 9 10.57 -12.92 -2.68
CA VAL B 9 11.09 -14.11 -2.01
C VAL B 9 9.93 -15.03 -1.64
N PRO B 10 10.13 -16.35 -1.75
CA PRO B 10 9.01 -17.24 -1.40
C PRO B 10 8.71 -17.31 0.09
N ARG B 11 7.46 -17.63 0.39
CA ARG B 11 7.04 -17.72 1.77
C ARG B 11 7.93 -18.65 2.59
N ALA B 12 8.34 -19.77 2.00
CA ALA B 12 9.12 -20.75 2.74
C ALA B 12 10.48 -20.18 3.15
N SER B 13 10.91 -19.13 2.48
CA SER B 13 12.18 -18.48 2.81
C SER B 13 12.09 -17.46 3.94
N VAL B 14 10.89 -17.17 4.40
CA VAL B 14 10.72 -16.26 5.52
C VAL B 14 10.91 -17.09 6.79
N PRO B 15 11.92 -16.74 7.60
CA PRO B 15 12.20 -17.61 8.76
C PRO B 15 11.13 -17.50 9.82
N ASP B 16 10.91 -18.61 10.52
CA ASP B 16 10.04 -18.59 11.67
C ASP B 16 10.51 -17.50 12.61
N GLY B 17 9.57 -16.72 13.13
CA GLY B 17 9.93 -15.67 14.05
C GLY B 17 10.23 -14.31 13.41
N PHE B 18 10.21 -14.24 12.08
CA PHE B 18 10.54 -12.99 11.41
C PHE B 18 9.65 -11.82 11.81
N LEU B 19 8.35 -12.06 11.94
CA LEU B 19 7.45 -10.97 12.31
C LEU B 19 7.68 -10.54 13.75
N SER B 20 8.04 -11.50 14.61
CA SER B 20 8.40 -11.18 15.98
C SER B 20 9.68 -10.36 16.01
N GLU B 21 10.69 -10.75 15.24
CA GLU B 21 11.91 -9.96 15.24
C GLU B 21 11.65 -8.53 14.74
N LEU B 22 10.87 -8.42 13.64
CA LEU B 22 10.55 -7.10 13.14
C LEU B 22 9.84 -6.26 14.19
N THR B 23 8.89 -6.86 14.89
CA THR B 23 8.19 -6.14 15.95
C THR B 23 9.16 -5.63 17.01
N GLN B 24 10.02 -6.53 17.48
CA GLN B 24 10.94 -6.20 18.55
C GLN B 24 11.93 -5.14 18.13
N GLN B 25 12.48 -5.31 16.93
CA GLN B 25 13.52 -4.40 16.47
C GLN B 25 12.94 -3.04 16.13
N LEU B 26 11.74 -3.03 15.57
CA LEU B 26 11.12 -1.75 15.28
C LEU B 26 10.69 -1.02 16.53
N ALA B 27 10.30 -1.77 17.55
CA ALA B 27 9.96 -1.12 18.80
C ALA B 27 11.20 -0.44 19.34
N GLN B 28 12.32 -1.15 19.30
CA GLN B 28 13.56 -0.58 19.79
C GLN B 28 13.94 0.64 18.95
N ALA B 29 13.78 0.55 17.64
CA ALA B 29 14.30 1.59 16.76
C ALA B 29 13.45 2.85 16.83
N THR B 30 12.15 2.68 16.91
CA THR B 30 11.25 3.83 16.91
C THR B 30 11.05 4.40 18.30
N GLY B 31 11.41 3.64 19.33
CA GLY B 31 11.11 4.06 20.69
C GLY B 31 9.67 3.85 21.10
N LYS B 32 8.85 3.27 20.22
CA LYS B 32 7.47 2.98 20.56
C LYS B 32 7.37 1.58 21.16
N PRO B 33 6.51 1.40 22.13
CA PRO B 33 6.31 0.07 22.72
C PRO B 33 5.85 -0.90 21.66
N PRO B 34 6.23 -2.17 21.80
CA PRO B 34 5.93 -3.15 20.76
C PRO B 34 4.46 -3.37 20.56
N GLN B 35 3.65 -3.09 21.56
CA GLN B 35 2.22 -3.28 21.39
C GLN B 35 1.66 -2.42 20.26
N TYR B 36 2.33 -1.32 19.96
CA TYR B 36 1.87 -0.37 18.94
C TYR B 36 2.33 -0.78 17.56
N ILE B 37 3.23 -1.74 17.46
CA ILE B 37 3.88 -2.04 16.20
C ILE B 37 3.12 -3.10 15.43
N ALA B 38 2.75 -2.79 14.20
CA ALA B 38 2.11 -3.78 13.33
C ALA B 38 3.08 -4.08 12.19
N VAL B 39 3.15 -5.36 11.83
CA VAL B 39 4.06 -5.79 10.77
C VAL B 39 3.30 -6.68 9.81
N HIS B 40 3.63 -6.55 8.53
CA HIS B 40 2.91 -7.23 7.48
C HIS B 40 3.96 -7.64 6.46
N VAL B 41 4.06 -8.95 6.23
CA VAL B 41 5.05 -9.48 5.30
C VAL B 41 4.32 -10.18 4.19
N VAL B 42 4.64 -9.79 2.95
CA VAL B 42 3.91 -10.28 1.79
C VAL B 42 4.91 -10.91 0.83
N PRO B 43 5.09 -12.22 0.92
CA PRO B 43 6.03 -12.91 0.04
C PRO B 43 5.42 -13.31 -1.30
N ASP B 44 6.25 -13.92 -2.14
CA ASP B 44 5.80 -14.53 -3.39
C ASP B 44 5.21 -13.54 -4.35
N GLN B 45 5.66 -12.29 -4.28
CA GLN B 45 5.05 -11.26 -5.11
C GLN B 45 5.67 -11.22 -6.49
N LEU B 46 4.86 -10.78 -7.44
CA LEU B 46 5.33 -10.51 -8.79
C LEU B 46 5.91 -9.11 -8.83
N MET B 47 7.23 -9.03 -8.84
CA MET B 47 7.93 -7.75 -8.74
C MET B 47 9.17 -7.74 -9.55
N ALA B 48 9.62 -6.54 -9.88
CA ALA B 48 10.88 -6.36 -10.53
C ALA B 48 11.52 -5.14 -9.91
N PHE B 49 12.83 -5.14 -9.87
CA PHE B 49 13.54 -3.98 -9.37
C PHE B 49 14.65 -3.74 -10.38
N GLY B 50 14.62 -2.58 -11.02
CA GLY B 50 15.56 -2.32 -12.09
C GLY B 50 15.40 -3.27 -13.27
N GLY B 51 14.22 -3.85 -13.44
CA GLY B 51 14.03 -4.75 -14.57
C GLY B 51 14.52 -6.15 -14.30
N SER B 52 15.03 -6.39 -13.10
CA SER B 52 15.49 -7.71 -12.70
C SER B 52 14.51 -8.34 -11.72
N SER B 53 14.31 -9.66 -11.83
CA SER B 53 13.41 -10.39 -10.96
C SER B 53 14.15 -11.10 -9.83
N GLU B 54 15.43 -10.75 -9.63
CA GLU B 54 16.17 -11.26 -8.48
C GLU B 54 15.48 -10.78 -7.20
N PRO B 55 15.77 -11.43 -6.07
CA PRO B 55 15.11 -11.01 -4.82
C PRO B 55 15.17 -9.50 -4.59
N CYS B 56 14.03 -8.95 -4.19
CA CYS B 56 13.93 -7.54 -3.94
C CYS B 56 12.81 -7.33 -2.95
N ALA B 57 12.70 -6.09 -2.47
CA ALA B 57 11.61 -5.77 -1.56
C ALA B 57 11.20 -4.33 -1.71
N LEU B 58 9.90 -4.09 -1.56
CA LEU B 58 9.34 -2.75 -1.50
C LEU B 58 8.61 -2.69 -0.18
N CYS B 59 8.97 -1.69 0.63
CA CYS B 59 8.52 -1.64 2.03
C CYS B 59 8.01 -0.28 2.36
N SER B 60 7.24 -0.20 3.43
CA SER B 60 6.84 1.10 3.97
C SER B 60 6.89 1.04 5.47
N LEU B 61 7.23 2.17 6.06
CA LEU B 61 7.12 2.34 7.50
C LEU B 61 6.30 3.61 7.72
N HIS B 62 5.19 3.45 8.42
CA HIS B 62 4.33 4.57 8.80
C HIS B 62 4.44 4.72 10.30
N SER B 63 4.58 5.95 10.76
CA SER B 63 4.63 6.19 12.18
C SER B 63 4.12 7.58 12.46
N ILE B 64 3.45 7.75 13.60
CA ILE B 64 3.12 9.09 14.07
C ILE B 64 4.37 9.66 14.70
N GLY B 65 5.06 10.50 13.97
CA GLY B 65 6.38 10.93 14.39
C GLY B 65 7.44 9.85 14.30
N LYS B 66 8.61 10.16 14.84
CA LYS B 66 9.78 9.27 14.80
C LYS B 66 10.25 9.04 13.37
N ILE B 67 9.95 10.00 12.50
CA ILE B 67 10.36 9.94 11.09
C ILE B 67 11.17 11.18 10.81
N GLY B 68 12.32 11.01 10.17
CA GLY B 68 13.14 12.17 9.86
C GLY B 68 14.45 11.76 9.25
N GLY B 69 15.30 12.73 8.93
CA GLY B 69 16.51 12.45 8.18
C GLY B 69 17.37 11.35 8.77
N ALA B 70 17.87 11.58 9.97
CA ALA B 70 18.78 10.64 10.58
C ALA B 70 18.05 9.39 11.01
N GLN B 71 16.84 9.55 11.54
CA GLN B 71 16.09 8.38 11.96
C GLN B 71 15.84 7.44 10.80
N ASN B 72 15.49 7.99 9.64
CA ASN B 72 15.17 7.12 8.51
C ASN B 72 16.41 6.43 7.97
N ARG B 73 17.56 7.09 8.04
CA ARG B 73 18.79 6.38 7.73
C ARG B 73 19.03 5.21 8.65
N SER B 74 18.76 5.43 9.93
CA SER B 74 18.92 4.35 10.89
C SER B 74 17.93 3.22 10.65
N TYR B 75 16.67 3.56 10.35
CA TYR B 75 15.71 2.52 10.03
C TYR B 75 16.12 1.73 8.79
N SER B 76 16.66 2.44 7.80
CA SER B 76 17.06 1.76 6.58
C SER B 76 18.19 0.80 6.81
N LYS B 77 19.16 1.21 7.64
CA LYS B 77 20.25 0.32 7.97
C LYS B 77 19.71 -0.92 8.69
N LEU B 78 18.83 -0.69 9.65
CA LEU B 78 18.28 -1.80 10.40
C LEU B 78 17.50 -2.74 9.49
N LEU B 79 16.60 -2.16 8.69
CA LEU B 79 15.66 -2.95 7.93
C LEU B 79 16.32 -3.63 6.73
N CYS B 80 17.21 -2.91 6.06
CA CYS B 80 17.95 -3.55 4.97
C CYS B 80 18.81 -4.67 5.53
N GLY B 81 19.34 -4.46 6.73
CA GLY B 81 20.14 -5.50 7.36
C GLY B 81 19.34 -6.75 7.60
N LEU B 82 18.13 -6.57 8.11
CA LEU B 82 17.27 -7.71 8.37
C LEU B 82 16.83 -8.39 7.09
N LEU B 83 16.50 -7.59 6.06
CA LEU B 83 16.07 -8.23 4.82
C LEU B 83 17.22 -9.00 4.18
N ALA B 84 18.44 -8.47 4.33
CA ALA B 84 19.61 -9.17 3.79
C ALA B 84 19.88 -10.45 4.58
N GLU B 85 19.93 -10.34 5.90
CA GLU B 85 20.31 -11.49 6.72
C GLU B 85 19.24 -12.55 6.74
N ARG B 86 17.99 -12.12 6.84
CA ARG B 86 16.90 -13.07 7.02
C ARG B 86 16.27 -13.56 5.72
N LEU B 87 16.15 -12.66 4.74
CA LEU B 87 15.47 -13.01 3.50
C LEU B 87 16.43 -13.11 2.32
N ARG B 88 17.70 -12.78 2.56
CA ARG B 88 18.74 -12.86 1.52
C ARG B 88 18.44 -11.93 0.37
N ILE B 89 17.92 -10.76 0.70
CA ILE B 89 17.68 -9.72 -0.29
C ILE B 89 18.78 -8.69 -0.20
N SER B 90 19.44 -8.41 -1.32
CA SER B 90 20.47 -7.40 -1.35
C SER B 90 19.92 -6.04 -0.97
N PRO B 91 20.61 -5.29 -0.11
CA PRO B 91 20.12 -3.96 0.28
C PRO B 91 19.89 -3.02 -0.89
N ASP B 92 20.63 -3.23 -1.99
CA ASP B 92 20.45 -2.33 -3.11
C ASP B 92 19.26 -2.74 -3.98
N ARG B 93 18.49 -3.72 -3.52
CA ARG B 93 17.24 -4.08 -4.20
C ARG B 93 16.06 -3.91 -3.24
N VAL B 94 16.20 -2.95 -2.34
CA VAL B 94 15.16 -2.64 -1.36
C VAL B 94 14.83 -1.18 -1.46
N TYR B 95 13.53 -0.84 -1.59
CA TYR B 95 13.09 0.52 -1.29
C TYR B 95 12.23 0.48 -0.05
N ILE B 96 12.38 1.49 0.80
CA ILE B 96 11.51 1.66 1.96
C ILE B 96 10.97 3.07 1.94
N ASN B 97 9.65 3.20 1.88
CA ASN B 97 9.05 4.50 1.92
C ASN B 97 8.66 4.82 3.35
N TYR B 98 9.05 5.99 3.81
CA TYR B 98 8.75 6.43 5.17
C TYR B 98 7.65 7.46 5.17
N TYR B 99 6.69 7.32 6.09
CA TYR B 99 5.56 8.23 6.17
C TYR B 99 5.36 8.69 7.60
N ASP B 100 5.46 9.99 7.80
CA ASP B 100 5.15 10.59 9.09
C ASP B 100 3.67 10.93 9.11
N MET B 101 2.90 10.11 9.82
CA MET B 101 1.46 10.27 9.89
C MET B 101 1.06 11.28 10.95
N ASN B 102 0.13 12.15 10.59
CA ASN B 102 -0.54 12.98 11.60
C ASN B 102 -1.40 12.07 12.45
N ALA B 103 -1.35 12.25 13.78
CA ALA B 103 -2.17 11.44 14.66
C ALA B 103 -3.64 11.44 14.26
N ALA B 104 -4.13 12.58 13.78
CA ALA B 104 -5.53 12.68 13.43
C ALA B 104 -5.92 11.87 12.19
N ASN B 105 -4.90 11.40 11.46
CA ASN B 105 -5.10 10.58 10.29
C ASN B 105 -4.79 9.11 10.52
N VAL B 106 -4.76 8.70 11.79
CA VAL B 106 -4.60 7.30 12.11
C VAL B 106 -5.75 6.83 12.98
N GLY B 107 -6.53 5.91 12.44
CA GLY B 107 -7.64 5.34 13.17
C GLY B 107 -7.24 4.07 13.89
N TRP B 108 -7.89 3.85 15.03
CA TRP B 108 -7.60 2.69 15.88
C TRP B 108 -8.71 2.66 16.90
N ASN B 109 -9.19 1.46 17.20
CA ASN B 109 -10.12 1.27 18.33
C ASN B 109 -11.32 2.21 18.26
N ASN B 110 -11.96 2.25 17.09
CA ASN B 110 -13.20 2.99 16.87
C ASN B 110 -13.05 4.49 16.85
N SER B 111 -11.81 4.97 16.89
CA SER B 111 -11.56 6.39 16.92
C SER B 111 -10.26 6.71 16.21
N THR B 112 -9.67 7.86 16.51
CA THR B 112 -8.35 8.18 16.00
C THR B 112 -7.45 8.64 17.12
N PHE B 113 -6.17 8.71 16.82
CA PHE B 113 -5.23 9.27 17.78
C PHE B 113 -5.24 10.78 17.76
N ALA B 114 -4.53 11.39 18.70
CA ALA B 114 -4.31 12.85 18.65
C ALA B 114 -2.91 13.26 19.11
N PRO C 1 -13.17 7.75 -3.80
CA PRO C 1 -12.37 7.27 -2.65
C PRO C 1 -11.93 5.84 -2.81
N MET C 2 -10.93 5.46 -2.03
CA MET C 2 -10.39 4.12 -2.10
C MET C 2 -10.18 3.63 -0.68
N PHE C 3 -10.70 2.44 -0.40
CA PHE C 3 -10.52 1.82 0.92
C PHE C 3 -9.93 0.45 0.75
N ILE C 4 -8.83 0.20 1.47
CA ILE C 4 -8.14 -1.07 1.41
C ILE C 4 -8.07 -1.64 2.82
N VAL C 5 -8.34 -2.94 2.93
CA VAL C 5 -8.18 -3.62 4.21
C VAL C 5 -7.26 -4.80 4.00
N ASN C 6 -6.17 -4.85 4.77
CA ASN C 6 -5.31 -6.02 4.76
C ASN C 6 -5.50 -6.73 6.09
N THR C 7 -5.72 -8.02 6.04
CA THR C 7 -6.02 -8.74 7.26
C THR C 7 -5.49 -10.15 7.20
N ASN C 8 -5.20 -10.71 8.37
CA ASN C 8 -4.85 -12.12 8.48
C ASN C 8 -6.06 -13.06 8.57
N VAL C 9 -7.25 -12.49 8.61
CA VAL C 9 -8.45 -13.33 8.62
C VAL C 9 -8.56 -14.08 7.29
N PRO C 10 -8.94 -15.36 7.33
CA PRO C 10 -8.98 -16.16 6.10
C PRO C 10 -10.05 -15.69 5.14
N ARG C 11 -9.82 -15.92 3.85
CA ARG C 11 -10.73 -15.52 2.80
C ARG C 11 -12.15 -16.01 3.07
N ALA C 12 -12.25 -17.23 3.57
CA ALA C 12 -13.55 -17.87 3.78
C ALA C 12 -14.36 -17.12 4.81
N SER C 13 -13.67 -16.36 5.67
CA SER C 13 -14.34 -15.57 6.70
C SER C 13 -14.88 -14.24 6.19
N VAL C 14 -14.51 -13.85 4.98
CA VAL C 14 -15.01 -12.62 4.40
C VAL C 14 -16.37 -12.91 3.80
N PRO C 15 -17.43 -12.29 4.36
CA PRO C 15 -18.78 -12.62 3.93
C PRO C 15 -19.05 -12.14 2.53
N ASP C 16 -19.86 -12.90 1.80
CA ASP C 16 -20.37 -12.40 0.55
C ASP C 16 -21.16 -11.14 0.87
N GLY C 17 -20.95 -10.12 0.05
CA GLY C 17 -21.62 -8.85 0.27
C GLY C 17 -20.70 -7.82 0.88
N PHE C 18 -19.55 -8.25 1.38
CA PHE C 18 -18.69 -7.34 2.14
C PHE C 18 -18.18 -6.18 1.30
N LEU C 19 -17.72 -6.47 0.08
CA LEU C 19 -17.28 -5.38 -0.78
C LEU C 19 -18.42 -4.40 -1.07
N SER C 20 -19.60 -4.95 -1.34
CA SER C 20 -20.75 -4.10 -1.61
C SER C 20 -21.13 -3.26 -0.41
N GLU C 21 -21.09 -3.87 0.77
CA GLU C 21 -21.42 -3.14 1.99
C GLU C 21 -20.44 -2.01 2.26
N LEU C 22 -19.15 -2.31 2.11
CA LEU C 22 -18.15 -1.26 2.25
C LEU C 22 -18.37 -0.13 1.26
N THR C 23 -18.70 -0.49 0.01
CA THR C 23 -18.97 0.52 -1.01
C THR C 23 -20.13 1.42 -0.59
N GLN C 24 -21.24 0.81 -0.20
CA GLN C 24 -22.42 1.58 0.17
C GLN C 24 -22.18 2.42 1.42
N GLN C 25 -21.55 1.82 2.43
CA GLN C 25 -21.33 2.52 3.70
C GLN C 25 -20.35 3.65 3.51
N LEU C 26 -19.33 3.44 2.69
CA LEU C 26 -18.39 4.51 2.42
C LEU C 26 -18.96 5.64 1.58
N ALA C 27 -19.87 5.29 0.67
CA ALA C 27 -20.53 6.31 -0.12
C ALA C 27 -21.31 7.22 0.84
N GLN C 28 -22.04 6.60 1.76
CA GLN C 28 -22.81 7.34 2.77
C GLN C 28 -21.90 8.20 3.63
N ALA C 29 -20.82 7.59 4.13
CA ALA C 29 -19.94 8.27 5.05
C ALA C 29 -19.19 9.44 4.43
N THR C 30 -18.72 9.27 3.21
CA THR C 30 -17.93 10.30 2.55
C THR C 30 -18.84 11.24 1.77
N GLY C 31 -20.04 10.79 1.49
CA GLY C 31 -20.96 11.59 0.70
C GLY C 31 -20.60 11.60 -0.77
N LYS C 32 -19.62 10.78 -1.15
CA LYS C 32 -19.26 10.64 -2.55
C LYS C 32 -20.13 9.58 -3.21
N PRO C 33 -20.38 9.74 -4.52
CA PRO C 33 -21.19 8.78 -5.26
C PRO C 33 -20.52 7.41 -5.22
N PRO C 34 -21.33 6.34 -5.07
CA PRO C 34 -20.81 4.97 -4.97
C PRO C 34 -19.99 4.60 -6.20
N GLN C 35 -20.32 5.18 -7.34
CA GLN C 35 -19.63 4.82 -8.56
C GLN C 35 -18.17 5.25 -8.51
N TYR C 36 -17.82 6.12 -7.57
CA TYR C 36 -16.44 6.61 -7.43
C TYR C 36 -15.66 5.87 -6.34
N ILE C 37 -16.34 5.00 -5.63
CA ILE C 37 -15.74 4.30 -4.48
C ILE C 37 -15.09 2.98 -4.90
N ALA C 38 -13.81 2.80 -4.57
CA ALA C 38 -13.14 1.54 -4.83
C ALA C 38 -12.81 0.90 -3.50
N VAL C 39 -12.96 -0.41 -3.44
CA VAL C 39 -12.73 -1.15 -2.20
C VAL C 39 -11.90 -2.38 -2.52
N HIS C 40 -11.00 -2.72 -1.59
CA HIS C 40 -10.02 -3.77 -1.84
C HIS C 40 -9.83 -4.49 -0.51
N VAL C 41 -10.10 -5.79 -0.48
CA VAL C 41 -9.96 -6.58 0.74
C VAL C 41 -8.93 -7.67 0.49
N VAL C 42 -7.96 -7.78 1.41
CA VAL C 42 -6.84 -8.67 1.19
C VAL C 42 -6.73 -9.57 2.41
N PRO C 43 -7.30 -10.76 2.33
CA PRO C 43 -7.29 -11.71 3.45
C PRO C 43 -6.05 -12.56 3.46
N ASP C 44 -5.97 -13.43 4.45
CA ASP C 44 -4.93 -14.45 4.53
C ASP C 44 -3.51 -13.91 4.61
N GLN C 45 -3.39 -12.70 5.14
CA GLN C 45 -2.08 -12.06 5.19
C GLN C 45 -1.26 -12.49 6.38
N LEU C 46 0.05 -12.49 6.19
CA LEU C 46 0.99 -12.77 7.25
C LEU C 46 1.26 -11.45 7.99
N MET C 47 0.64 -11.30 9.15
CA MET C 47 0.63 -10.03 9.86
C MET C 47 0.76 -10.28 11.34
N ALA C 48 1.27 -9.28 12.05
CA ALA C 48 1.23 -9.29 13.49
C ALA C 48 0.88 -7.88 13.91
N PHE C 49 0.20 -7.78 15.03
CA PHE C 49 -0.21 -6.49 15.58
C PHE C 49 0.16 -6.60 17.05
N GLY C 50 1.09 -5.76 17.48
CA GLY C 50 1.57 -5.84 18.85
C GLY C 50 2.29 -7.15 19.13
N GLY C 51 2.83 -7.79 18.09
CA GLY C 51 3.56 -9.03 18.31
C GLY C 51 2.67 -10.27 18.28
N SER C 52 1.36 -10.07 18.15
CA SER C 52 0.39 -11.15 18.22
C SER C 52 -0.21 -11.39 16.84
N SER C 53 -0.50 -12.65 16.53
CA SER C 53 -1.06 -13.00 15.24
C SER C 53 -2.56 -13.26 15.33
N GLU C 54 -3.19 -12.83 16.43
CA GLU C 54 -4.65 -12.82 16.48
C GLU C 54 -5.19 -11.93 15.38
N PRO C 55 -6.48 -12.08 15.03
CA PRO C 55 -7.05 -11.28 13.95
C PRO C 55 -6.75 -9.80 14.10
N CYS C 56 -6.31 -9.19 13.01
CA CYS C 56 -6.01 -7.77 12.99
C CYS C 56 -6.21 -7.25 11.57
N ALA C 57 -6.18 -5.94 11.41
CA ALA C 57 -6.30 -5.36 10.08
C ALA C 57 -5.49 -4.10 9.99
N LEU C 58 -4.91 -3.89 8.81
CA LEU C 58 -4.24 -2.63 8.50
C LEU C 58 -4.95 -2.11 7.27
N CYS C 59 -5.47 -0.90 7.37
CA CYS C 59 -6.37 -0.36 6.35
C CYS C 59 -5.93 1.00 5.94
N SER C 60 -6.42 1.45 4.78
CA SER C 60 -6.21 2.83 4.35
C SER C 60 -7.48 3.36 3.71
N LEU C 61 -7.74 4.63 3.94
CA LEU C 61 -8.81 5.32 3.20
C LEU C 61 -8.17 6.52 2.55
N HIS C 62 -8.25 6.58 1.21
CA HIS C 62 -7.80 7.73 0.44
C HIS C 62 -9.01 8.46 -0.11
N SER C 63 -9.00 9.78 0.01
CA SER C 63 -10.11 10.56 -0.51
C SER C 63 -9.60 11.93 -0.85
N ILE C 64 -10.16 12.52 -1.89
CA ILE C 64 -9.84 13.91 -2.19
C ILE C 64 -10.78 14.75 -1.32
N GLY C 65 -10.24 15.25 -0.21
CA GLY C 65 -11.08 15.89 0.79
C GLY C 65 -11.90 14.91 1.62
N LYS C 66 -12.77 15.45 2.48
CA LYS C 66 -13.60 14.69 3.40
C LYS C 66 -12.73 13.87 4.36
N ILE C 67 -11.55 14.40 4.64
CA ILE C 67 -10.61 13.81 5.59
C ILE C 67 -10.27 14.86 6.62
N GLY C 68 -10.38 14.51 7.90
CA GLY C 68 -10.08 15.49 8.92
C GLY C 68 -10.40 14.94 10.30
N GLY C 69 -10.14 15.76 11.31
CA GLY C 69 -10.27 15.31 12.69
C GLY C 69 -11.54 14.56 13.01
N ALA C 70 -12.68 15.22 12.99
CA ALA C 70 -13.91 14.58 13.40
C ALA C 70 -14.38 13.57 12.37
N GLN C 71 -14.17 13.86 11.09
CA GLN C 71 -14.61 12.95 10.06
C GLN C 71 -13.88 11.61 10.18
N ASN C 72 -12.59 11.68 10.48
CA ASN C 72 -11.79 10.44 10.59
C ASN C 72 -12.21 9.62 11.80
N ARG C 73 -12.60 10.30 12.88
CA ARG C 73 -13.16 9.57 14.02
C ARG C 73 -14.42 8.83 13.62
N SER C 74 -15.27 9.50 12.86
CA SER C 74 -16.50 8.87 12.40
C SER C 74 -16.21 7.68 11.48
N TYR C 75 -15.27 7.86 10.53
CA TYR C 75 -14.90 6.76 9.66
C TYR C 75 -14.37 5.57 10.46
N SER C 76 -13.56 5.86 11.49
CA SER C 76 -12.96 4.79 12.28
C SER C 76 -14.00 4.00 13.05
N LYS C 77 -14.98 4.71 13.62
CA LYS C 77 -16.07 4.00 14.27
C LYS C 77 -16.83 3.12 13.27
N LEU C 78 -17.13 3.70 12.12
CA LEU C 78 -17.83 2.98 11.07
C LEU C 78 -17.05 1.76 10.61
N LEU C 79 -15.79 1.97 10.28
CA LEU C 79 -15.02 0.91 9.67
C LEU C 79 -14.58 -0.17 10.67
N CYS C 80 -14.18 0.24 11.88
CA CYS C 80 -13.92 -0.74 12.92
C CYS C 80 -15.19 -1.52 13.22
N GLY C 81 -16.34 -0.84 13.21
CA GLY C 81 -17.60 -1.52 13.42
C GLY C 81 -17.82 -2.62 12.41
N LEU C 82 -17.61 -2.32 11.14
CA LEU C 82 -17.76 -3.30 10.07
C LEU C 82 -16.75 -4.43 10.17
N LEU C 83 -15.49 -4.10 10.50
CA LEU C 83 -14.48 -5.14 10.64
C LEU C 83 -14.77 -6.06 11.82
N ALA C 84 -15.29 -5.47 12.89
CA ALA C 84 -15.65 -6.27 14.07
C ALA C 84 -16.84 -7.18 13.74
N GLU C 85 -17.87 -6.61 13.15
CA GLU C 85 -19.10 -7.35 12.89
C GLU C 85 -18.92 -8.40 11.80
N ARG C 86 -18.27 -8.03 10.70
CA ARG C 86 -18.18 -8.92 9.56
C ARG C 86 -16.97 -9.84 9.59
N LEU C 87 -15.83 -9.34 10.07
CA LEU C 87 -14.61 -10.14 10.06
C LEU C 87 -14.18 -10.59 11.45
N ARG C 88 -14.90 -10.16 12.47
CA ARG C 88 -14.60 -10.54 13.85
C ARG C 88 -13.22 -10.10 14.29
N ILE C 89 -12.82 -8.92 13.83
CA ILE C 89 -11.55 -8.34 14.24
C ILE C 89 -11.83 -7.30 15.31
N SER C 90 -11.12 -7.42 16.43
CA SER C 90 -11.23 -6.47 17.53
C SER C 90 -10.79 -5.09 17.06
N PRO C 91 -11.57 -4.05 17.36
CA PRO C 91 -11.21 -2.68 17.00
C PRO C 91 -9.84 -2.25 17.47
N ASP C 92 -9.36 -2.80 18.58
CA ASP C 92 -8.05 -2.40 19.06
C ASP C 92 -6.93 -3.14 18.38
N ARG C 93 -7.27 -3.92 17.36
CA ARG C 93 -6.25 -4.55 16.50
C ARG C 93 -6.45 -4.12 15.05
N VAL C 94 -6.94 -2.89 14.91
CA VAL C 94 -7.10 -2.28 13.59
C VAL C 94 -6.37 -0.95 13.57
N TYR C 95 -5.56 -0.72 12.52
CA TYR C 95 -5.15 0.63 12.18
C TYR C 95 -5.77 1.00 10.84
N ILE C 96 -6.17 2.26 10.72
CA ILE C 96 -6.66 2.82 9.46
C ILE C 96 -5.88 4.09 9.21
N ASN C 97 -5.13 4.12 8.11
CA ASN C 97 -4.44 5.33 7.74
C ASN C 97 -5.33 6.13 6.78
N TYR C 98 -5.50 7.41 7.09
CA TYR C 98 -6.33 8.29 6.27
C TYR C 98 -5.44 9.19 5.46
N TYR C 99 -5.78 9.34 4.20
CA TYR C 99 -5.01 10.18 3.27
C TYR C 99 -5.90 11.16 2.54
N ASP C 100 -5.63 12.43 2.75
CA ASP C 100 -6.30 13.50 2.02
C ASP C 100 -5.48 13.77 0.77
N MET C 101 -5.96 13.23 -0.34
CA MET C 101 -5.26 13.30 -1.62
C MET C 101 -5.52 14.62 -2.31
N ASN C 102 -4.47 15.22 -2.87
CA ASN C 102 -4.66 16.36 -3.76
C ASN C 102 -5.24 15.80 -5.05
N ALA C 103 -6.22 16.49 -5.61
CA ALA C 103 -6.84 16.02 -6.85
C ALA C 103 -5.84 15.82 -7.98
N ALA C 104 -4.79 16.62 -8.02
CA ALA C 104 -3.76 16.49 -9.05
C ALA C 104 -2.94 15.21 -8.90
N ASN C 105 -3.03 14.60 -7.73
CA ASN C 105 -2.28 13.38 -7.45
C ASN C 105 -3.17 12.15 -7.46
N VAL C 106 -4.38 12.26 -7.99
CA VAL C 106 -5.20 11.10 -8.22
C VAL C 106 -5.50 10.97 -9.70
N GLY C 107 -4.95 9.92 -10.29
CA GLY C 107 -5.20 9.61 -11.68
C GLY C 107 -6.40 8.73 -11.84
N TRP C 108 -7.15 8.99 -12.92
CA TRP C 108 -8.29 8.18 -13.29
C TRP C 108 -8.55 8.43 -14.77
N ASN C 109 -8.84 7.37 -15.50
CA ASN C 109 -9.24 7.51 -16.90
C ASN C 109 -8.45 8.56 -17.64
N ASN C 110 -7.15 8.33 -17.76
CA ASN C 110 -6.31 9.11 -18.65
C ASN C 110 -6.10 10.56 -18.28
N SER C 111 -6.39 10.90 -17.02
CA SER C 111 -6.08 12.25 -16.55
C SER C 111 -6.00 12.20 -15.03
N THR C 112 -6.10 13.35 -14.40
CA THR C 112 -6.27 13.40 -12.95
C THR C 112 -7.55 14.13 -12.64
N PHE C 113 -7.83 14.31 -11.36
CA PHE C 113 -9.03 15.02 -10.97
C PHE C 113 -8.83 16.51 -10.78
N ALA C 114 -7.62 17.00 -10.99
CA ALA C 114 -7.40 18.45 -10.87
C ALA C 114 -8.15 19.20 -11.97
C4 6DQ D . 15.74 8.90 -8.42
C6 6DQ D . 16.68 6.58 -7.12
C10 6DQ D . 12.68 6.65 -6.18
C13 6DQ D . 10.64 7.01 -4.76
C15 6DQ D . 9.62 6.52 -3.93
C17 6DQ D . 9.57 5.15 -3.67
C1 6DQ D . 14.80 8.07 -7.74
C2 6DQ D . 15.29 6.90 -7.08
C3 6DQ D . 13.36 8.45 -7.73
S5 6DQ D . 14.24 5.80 -6.20
N7 6DQ D . 12.50 7.77 -6.93
O8 6DQ D . 12.92 9.38 -8.40
C9 6DQ D . 17.11 8.58 -8.45
C11 6DQ D . 17.59 7.41 -7.80
C12 6DQ D . 11.59 6.14 -5.33
C14 6DQ D . 11.46 4.76 -5.01
N16 6DQ D . 10.48 4.28 -4.20
C1 EDO E . 9.99 17.50 -10.47
O1 EDO E . 8.87 17.63 -11.16
C2 EDO E . 11.21 17.41 -11.38
O2 EDO E . 12.24 16.94 -10.69
S SO4 F . 4.21 19.58 -13.43
O1 SO4 F . 4.09 18.14 -13.49
O2 SO4 F . 5.14 20.00 -14.43
O3 SO4 F . 4.69 19.97 -12.14
O4 SO4 F . 2.93 20.18 -13.64
S SO4 G . -1.42 19.56 -19.65
O1 SO4 G . -1.39 18.54 -18.67
O2 SO4 G . -0.21 19.56 -20.39
O3 SO4 G . -1.59 20.83 -19.03
O4 SO4 G . -2.52 19.33 -20.55
S SO4 H . -6.23 13.36 -25.00
O1 SO4 H . -6.20 11.98 -24.66
O2 SO4 H . -5.24 13.61 -26.01
O3 SO4 H . -5.95 14.16 -23.83
O4 SO4 H . -7.53 13.72 -25.50
S SO4 I . -1.56 -11.14 -1.81
O1 SO4 I . -1.17 -11.98 -0.68
O2 SO4 I . -0.80 -11.50 -2.96
O3 SO4 I . -1.28 -9.78 -1.49
O4 SO4 I . -2.98 -11.27 -2.07
S SO4 J . 0.64 5.07 0.95
O1 SO4 J . 0.81 4.22 2.08
O2 SO4 J . 1.58 4.72 -0.06
O3 SO4 J . 0.84 6.42 1.33
O4 SO4 J . -0.69 4.91 0.45
C4 6DQ K . 2.29 6.30 18.72
C6 6DQ K . -0.07 4.76 18.74
C10 6DQ K . 1.23 4.46 14.88
C13 6DQ K . 1.24 5.18 12.47
C15 6DQ K . 0.88 5.00 11.13
C17 6DQ K . 0.12 3.88 10.79
C1 6DQ K . 1.95 5.53 17.57
C2 6DQ K . 0.76 4.75 17.58
C3 6DQ K . 2.85 5.57 16.38
S5 6DQ K . 0.26 3.77 16.21
N7 6DQ K . 2.33 5.22 15.16
O8 6DQ K . 4.01 5.98 16.43
C9 6DQ K . 1.46 6.29 19.87
C11 6DQ K . 0.28 5.52 19.87
C12 6DQ K . 0.84 4.26 13.46
C14 6DQ K . 0.08 3.16 13.03
N16 6DQ K . -0.28 2.98 11.73
C4 6DQ L . -1.87 1.66 26.85
C6 6DQ L . -4.03 2.91 25.53
C10 6DQ L . -2.13 0.99 22.51
C13 6DQ L . -2.54 1.52 20.14
C15 6DQ L . -2.58 1.11 18.80
C17 6DQ L . -2.24 -0.21 18.50
C1 6DQ L . -1.99 1.56 25.43
C2 6DQ L . -3.09 2.20 24.79
C3 6DQ L . -0.97 0.78 24.69
S5 6DQ L . -3.33 2.15 23.03
N7 6DQ L . -1.20 0.52 23.36
O8 6DQ L . 0.05 0.37 25.21
C9 6DQ L . -2.82 2.38 27.59
C11 6DQ L . -3.90 3.01 26.94
C12 6DQ L . -2.16 0.58 21.14
C14 6DQ L . -1.83 -0.73 20.74
N16 6DQ L . -1.87 -1.12 19.44
S SO4 M . 11.98 -14.50 -14.19
O1 SO4 M . 12.88 -15.26 -13.38
O2 SO4 M . 11.57 -15.30 -15.30
O3 SO4 M . 12.61 -13.33 -14.65
O4 SO4 M . 10.81 -14.15 -13.41
S SO4 N . 11.74 -22.19 9.68
O1 SO4 N . 12.34 -20.89 9.78
O2 SO4 N . 12.36 -22.88 8.59
O3 SO4 N . 11.98 -22.92 10.92
O4 SO4 N . 10.37 -22.08 9.47
S SO4 O . 15.94 13.32 12.57
O1 SO4 O . 15.48 12.00 12.25
O2 SO4 O . 17.04 13.69 11.70
O3 SO4 O . 16.40 13.32 13.92
O4 SO4 O . 14.89 14.26 12.42
C4 6DQ P . -14.52 12.29 -5.46
C6 6DQ P . -13.87 10.66 -7.68
C10 6DQ P . -11.00 9.71 -4.94
C13 6DQ P . -8.81 9.52 -3.75
C15 6DQ P . -7.62 8.81 -3.53
C17 6DQ P . -7.40 7.61 -4.20
C1 6DQ P . -13.42 11.39 -5.37
C2 6DQ P . -13.11 10.58 -6.49
C3 6DQ P . -12.63 11.35 -4.10
S5 6DQ P . -11.76 9.43 -6.49
N7 6DQ P . -11.53 10.59 -4.03
O8 6DQ P . -12.94 12.03 -3.12
C9 6DQ P . -15.28 12.36 -6.65
C11 6DQ P . -14.95 11.55 -7.76
C12 6DQ P . -9.75 9.00 -4.66
C14 6DQ P . -9.46 7.78 -5.31
N16 6DQ P . -8.30 7.10 -5.09
S SO4 Q . -13.27 17.73 10.33
O1 SO4 Q . -13.30 16.36 9.94
O2 SO4 Q . -12.27 18.43 9.59
O3 SO4 Q . -13.00 17.83 11.74
O4 SO4 Q . -14.55 18.32 10.04
#